data_5WG8
#
_entry.id   5WG8
#
_cell.length_a   40.656
_cell.length_b   91.150
_cell.length_c   95.494
_cell.angle_alpha   90.00
_cell.angle_beta   90.00
_cell.angle_gamma   90.00
#
_symmetry.space_group_name_H-M   'P 21 21 21'
#
loop_
_entity.id
_entity.type
_entity.pdbx_description
1 polymer 'Serine/threonine-protein phosphatase 5'
2 non-polymer 'MANGANESE (II) ION'
3 non-polymer '(1S,2R,3S,4R)-3-(4-methylpiperazine-1-carbonyl)-7-oxabicyclo[2.2.1]heptane-2-carboxylic acid'
4 non-polymer (4S)-2-METHYL-2,4-PENTANEDIOL
5 non-polymer (4R)-2-METHYLPENTANE-2,4-DIOL
6 water water
#
_entity_poly.entity_id   1
_entity_poly.type   'polypeptide(L)'
_entity_poly.pdbx_seq_one_letter_code
;GASMTIEDEYSGPKLEDGKVTISFMKELMQWYKDQKKLHRKCAYQILVQVKEVLSKLSTLVETTLKETEKITVCGDTHGQ
FYDLLNIFELNGLPSETNPYIFNGDFVDRGSFSVEVILTLFGFKLLYPDHFHLLRGNHETDNMNQIYGFEGEVKAKYTAQ
MYELFSEVFEWLPLAQCINGKVLIMHGGLFSEDGVTLDDIRKIERNRQPPDSGPMCDLLWSDPQPQNGRSISKRGVSCQF
GPDVTKAFLEENNLDYIIRSHEVKAEGYEVAHGGRCVTVFSAPNYCDQMGNKASYIHLQGSDLRPQFHQFTAVPHPNVKP
MAYANTLLQLGMM
;
_entity_poly.pdbx_strand_id   A
#
loop_
_chem_comp.id
_chem_comp.type
_chem_comp.name
_chem_comp.formula
LB1 non-polymer '(1S,2R,3S,4R)-3-(4-methylpiperazine-1-carbonyl)-7-oxabicyclo[2.2.1]heptane-2-carboxylic acid' 'C13 H20 N2 O4'
MN non-polymer 'MANGANESE (II) ION' 'Mn 2'
MPD non-polymer (4S)-2-METHYL-2,4-PENTANEDIOL 'C6 H14 O2'
MRD non-polymer (4R)-2-METHYLPENTANE-2,4-DIOL 'C6 H14 O2'
#
# COMPACT_ATOMS: atom_id res chain seq x y z
N ILE A 6 -34.48 1.07 21.17
CA ILE A 6 -33.40 0.92 20.19
C ILE A 6 -32.13 1.65 20.61
N GLU A 7 -30.99 0.97 20.47
CA GLU A 7 -29.69 1.60 20.65
C GLU A 7 -28.84 1.40 19.40
N ASP A 8 -27.90 0.45 19.43
CA ASP A 8 -26.97 0.24 18.34
C ASP A 8 -27.24 -1.05 17.56
N GLU A 9 -28.48 -1.56 17.59
CA GLU A 9 -28.76 -2.80 16.88
C GLU A 9 -28.63 -2.63 15.38
N TYR A 10 -28.83 -1.42 14.86
CA TYR A 10 -28.85 -1.18 13.42
C TYR A 10 -27.56 -0.54 12.91
N SER A 11 -26.47 -0.63 13.66
CA SER A 11 -25.26 0.12 13.33
C SER A 11 -24.16 -0.73 12.71
N GLY A 12 -24.36 -2.05 12.57
CA GLY A 12 -23.45 -2.89 11.81
C GLY A 12 -22.38 -3.62 12.60
N PRO A 13 -21.27 -3.96 11.93
CA PRO A 13 -20.21 -4.73 12.58
C PRO A 13 -19.65 -4.02 13.81
N LYS A 14 -19.31 -4.83 14.81
CA LYS A 14 -18.79 -4.34 16.08
C LYS A 14 -17.56 -5.15 16.45
N LEU A 15 -16.53 -4.46 16.93
CA LEU A 15 -15.35 -5.15 17.43
C LEU A 15 -15.73 -6.02 18.64
N GLU A 16 -14.89 -7.03 18.90
CA GLU A 16 -15.09 -7.94 20.04
C GLU A 16 -14.21 -7.47 21.18
N ASP A 17 -14.85 -6.83 22.18
CA ASP A 17 -14.15 -6.15 23.26
C ASP A 17 -13.05 -5.25 22.70
N GLY A 18 -13.41 -4.50 21.67
CA GLY A 18 -12.50 -3.55 21.08
C GLY A 18 -11.46 -4.13 20.14
N LYS A 19 -11.50 -5.43 19.85
CA LYS A 19 -10.45 -6.08 19.07
C LYS A 19 -10.97 -6.61 17.74
N VAL A 20 -10.10 -6.57 16.73
CA VAL A 20 -10.43 -7.15 15.43
C VAL A 20 -10.37 -8.68 15.50
N THR A 21 -11.38 -9.33 14.92
CA THR A 21 -11.40 -10.78 14.73
C THR A 21 -11.64 -11.09 13.25
N ILE A 22 -11.46 -12.37 12.90
CA ILE A 22 -11.77 -12.81 11.55
C ILE A 22 -13.25 -12.62 11.22
N SER A 23 -14.13 -12.95 12.18
N SER A 23 -14.14 -12.90 12.18
CA SER A 23 -15.56 -12.70 11.99
CA SER A 23 -15.56 -12.71 11.88
C SER A 23 -15.82 -11.24 11.68
C SER A 23 -15.91 -11.23 11.75
N PHE A 24 -15.23 -10.35 12.48
CA PHE A 24 -15.42 -8.92 12.26
C PHE A 24 -14.99 -8.52 10.86
N MET A 25 -13.84 -9.03 10.40
CA MET A 25 -13.36 -8.63 9.07
C MET A 25 -14.31 -9.11 8.00
N LYS A 26 -14.88 -10.31 8.16
CA LYS A 26 -15.85 -10.78 7.18
C LYS A 26 -17.12 -9.95 7.21
N GLU A 27 -17.58 -9.59 8.42
CA GLU A 27 -18.73 -8.70 8.53
C GLU A 27 -18.43 -7.34 7.91
N LEU A 28 -17.22 -6.83 8.13
CA LEU A 28 -16.85 -5.50 7.63
C LEU A 28 -16.86 -5.49 6.10
N MET A 29 -16.19 -6.46 5.49
CA MET A 29 -16.12 -6.49 4.03
C MET A 29 -17.51 -6.59 3.41
N GLN A 30 -18.40 -7.38 4.03
CA GLN A 30 -19.76 -7.49 3.52
C GLN A 30 -20.52 -6.17 3.70
N TRP A 31 -20.36 -5.53 4.86
CA TRP A 31 -21.03 -4.27 5.13
C TRP A 31 -20.61 -3.21 4.13
N TYR A 32 -19.30 -3.13 3.88
CA TYR A 32 -18.78 -2.23 2.84
C TYR A 32 -19.25 -2.61 1.45
N LYS A 33 -19.27 -3.91 1.13
CA LYS A 33 -19.78 -4.33 -0.17
CA LYS A 33 -19.79 -4.34 -0.16
C LYS A 33 -21.20 -3.80 -0.38
N ASP A 34 -22.02 -3.84 0.67
CA ASP A 34 -23.39 -3.34 0.66
C ASP A 34 -23.49 -1.82 0.85
N GLN A 35 -22.35 -1.10 0.76
N GLN A 35 -22.36 -1.11 0.74
CA GLN A 35 -22.32 0.36 0.71
CA GLN A 35 -22.31 0.37 0.73
C GLN A 35 -22.73 1.01 2.03
C GLN A 35 -22.80 0.97 2.04
N LYS A 36 -22.42 0.35 3.14
CA LYS A 36 -22.75 0.82 4.47
C LYS A 36 -21.48 1.27 5.19
N LYS A 37 -21.67 1.98 6.29
CA LYS A 37 -20.59 2.71 6.94
C LYS A 37 -20.24 2.08 8.30
N LEU A 38 -18.94 1.94 8.56
CA LEU A 38 -18.51 1.40 9.85
C LEU A 38 -18.73 2.44 10.94
N HIS A 39 -19.34 2.01 12.04
CA HIS A 39 -19.59 2.90 13.17
C HIS A 39 -18.30 3.63 13.56
N ARG A 40 -18.44 4.95 13.81
CA ARG A 40 -17.26 5.78 14.02
C ARG A 40 -16.44 5.32 15.23
N LYS A 41 -17.10 4.75 16.26
CA LYS A 41 -16.36 4.29 17.42
C LYS A 41 -15.45 3.11 17.07
N CYS A 42 -15.93 2.21 16.21
CA CYS A 42 -15.09 1.13 15.74
C CYS A 42 -13.97 1.63 14.84
N ALA A 43 -14.28 2.55 13.93
CA ALA A 43 -13.24 3.14 13.09
C ALA A 43 -12.16 3.78 13.96
N TYR A 44 -12.58 4.52 14.99
CA TYR A 44 -11.61 5.14 15.89
C TYR A 44 -10.74 4.09 16.56
N GLN A 45 -11.34 3.02 17.09
CA GLN A 45 -10.55 1.98 17.78
C GLN A 45 -9.54 1.33 16.84
N ILE A 46 -9.94 1.08 15.58
CA ILE A 46 -9.01 0.53 14.61
C ILE A 46 -7.83 1.48 14.41
N LEU A 47 -8.11 2.78 14.29
CA LEU A 47 -7.04 3.72 13.99
C LEU A 47 -6.07 3.86 15.17
N VAL A 48 -6.60 3.95 16.40
CA VAL A 48 -5.69 4.12 17.52
CA VAL A 48 -5.72 4.11 17.55
C VAL A 48 -4.85 2.87 17.71
N GLN A 49 -5.43 1.69 17.52
CA GLN A 49 -4.67 0.47 17.68
C GLN A 49 -3.64 0.29 16.58
N VAL A 50 -4.00 0.57 15.32
CA VAL A 50 -3.00 0.35 14.28
CA VAL A 50 -3.04 0.42 14.22
C VAL A 50 -1.90 1.41 14.38
N LYS A 51 -2.22 2.62 14.87
CA LYS A 51 -1.16 3.60 15.11
C LYS A 51 -0.13 3.04 16.08
N GLU A 52 -0.61 2.41 17.14
CA GLU A 52 0.29 1.84 18.14
C GLU A 52 1.14 0.73 17.51
N VAL A 53 0.51 -0.16 16.74
CA VAL A 53 1.25 -1.24 16.06
C VAL A 53 2.31 -0.67 15.13
N LEU A 54 1.91 0.27 14.26
CA LEU A 54 2.83 0.80 13.25
C LEU A 54 3.99 1.56 13.90
N SER A 55 3.71 2.28 14.99
CA SER A 55 4.73 3.15 15.57
C SER A 55 5.87 2.36 16.19
N LYS A 56 5.67 1.08 16.45
CA LYS A 56 6.72 0.23 16.97
C LYS A 56 7.54 -0.44 15.87
N LEU A 57 7.17 -0.28 14.60
CA LEU A 57 7.94 -0.88 13.52
C LEU A 57 9.12 -0.01 13.13
N SER A 58 10.16 -0.66 12.59
CA SER A 58 11.25 0.04 11.95
C SER A 58 10.77 0.72 10.68
N THR A 59 11.46 1.78 10.28
CA THR A 59 11.16 2.36 8.98
C THR A 59 11.39 1.34 7.86
N LEU A 60 12.29 0.40 8.07
CA LEU A 60 12.51 -0.72 7.17
C LEU A 60 12.00 -1.98 7.86
N VAL A 61 10.90 -2.55 7.36
CA VAL A 61 10.43 -3.84 7.87
C VAL A 61 11.27 -4.95 7.26
N GLU A 62 11.84 -5.80 8.11
CA GLU A 62 12.71 -6.87 7.67
C GLU A 62 12.03 -8.19 7.97
N THR A 63 11.67 -8.91 6.90
CA THR A 63 10.79 -10.05 7.00
C THR A 63 11.54 -11.27 6.51
N THR A 64 11.37 -12.39 7.22
CA THR A 64 11.95 -13.66 6.79
C THR A 64 10.83 -14.60 6.36
N LEU A 65 10.98 -15.17 5.17
CA LEU A 65 10.10 -16.21 4.65
C LEU A 65 10.88 -17.51 4.65
N LYS A 66 10.35 -18.54 5.32
CA LYS A 66 10.96 -19.86 5.23
C LYS A 66 10.77 -20.45 3.83
N GLU A 67 11.45 -21.57 3.57
CA GLU A 67 11.56 -22.08 2.20
C GLU A 67 10.19 -22.31 1.56
N THR A 68 9.25 -22.85 2.32
CA THR A 68 7.95 -23.17 1.74
C THR A 68 6.89 -22.14 2.09
N GLU A 69 7.26 -21.02 2.67
CA GLU A 69 6.29 -19.97 2.91
C GLU A 69 6.15 -19.11 1.65
N LYS A 70 5.04 -18.38 1.58
CA LYS A 70 4.77 -17.57 0.40
C LYS A 70 4.27 -16.22 0.86
N ILE A 71 4.19 -15.30 -0.09
CA ILE A 71 3.66 -13.99 0.18
C ILE A 71 3.17 -13.41 -1.14
N THR A 72 2.20 -12.51 -1.05
CA THR A 72 1.63 -11.80 -2.18
C THR A 72 1.95 -10.31 -2.04
N VAL A 73 2.42 -9.69 -3.12
CA VAL A 73 2.72 -8.26 -3.12
C VAL A 73 1.77 -7.57 -4.07
N CYS A 74 1.03 -6.59 -3.56
CA CYS A 74 0.12 -5.79 -4.36
C CYS A 74 0.64 -4.36 -4.43
N GLY A 75 0.39 -3.70 -5.55
CA GLY A 75 0.70 -2.28 -5.71
C GLY A 75 -0.48 -1.39 -5.38
N ASP A 76 -0.48 -0.18 -5.98
CA ASP A 76 -1.51 0.83 -5.74
C ASP A 76 -2.91 0.22 -5.81
N THR A 77 -3.78 0.65 -4.88
CA THR A 77 -5.19 0.24 -4.91
C THR A 77 -6.16 1.42 -5.00
N HIS A 78 -5.77 2.61 -4.54
CA HIS A 78 -6.47 3.88 -4.78
C HIS A 78 -7.99 3.80 -4.58
N GLY A 79 -8.42 3.28 -3.42
CA GLY A 79 -9.83 3.36 -3.07
C GLY A 79 -10.74 2.55 -3.97
N GLN A 80 -10.19 1.61 -4.74
CA GLN A 80 -11.02 0.74 -5.58
C GLN A 80 -11.41 -0.52 -4.78
N PHE A 81 -12.30 -0.28 -3.81
CA PHE A 81 -12.62 -1.29 -2.80
C PHE A 81 -13.16 -2.56 -3.43
N TYR A 82 -13.98 -2.42 -4.47
CA TYR A 82 -14.56 -3.63 -5.06
C TYR A 82 -13.50 -4.44 -5.79
N ASP A 83 -12.50 -3.76 -6.37
CA ASP A 83 -11.34 -4.50 -6.88
C ASP A 83 -10.50 -5.12 -5.77
N LEU A 84 -10.40 -4.45 -4.61
CA LEU A 84 -9.71 -5.06 -3.48
C LEU A 84 -10.37 -6.37 -3.06
N LEU A 85 -11.70 -6.37 -2.92
CA LEU A 85 -12.35 -7.63 -2.59
C LEU A 85 -12.07 -8.69 -3.66
N ASN A 86 -11.98 -8.25 -4.92
CA ASN A 86 -11.73 -9.20 -6.00
C ASN A 86 -10.35 -9.83 -5.86
N ILE A 87 -9.35 -9.06 -5.42
CA ILE A 87 -8.04 -9.64 -5.14
C ILE A 87 -8.18 -10.79 -4.15
N PHE A 88 -8.90 -10.54 -3.04
CA PHE A 88 -9.07 -11.57 -2.03
C PHE A 88 -9.88 -12.76 -2.56
N GLU A 89 -10.82 -12.52 -3.48
CA GLU A 89 -11.53 -13.66 -4.05
C GLU A 89 -10.66 -14.42 -5.04
N LEU A 90 -9.75 -13.73 -5.74
CA LEU A 90 -8.86 -14.43 -6.68
C LEU A 90 -7.72 -15.16 -5.98
N ASN A 91 -7.23 -14.59 -4.89
CA ASN A 91 -5.95 -15.01 -4.31
C ASN A 91 -6.08 -15.48 -2.87
N GLY A 92 -7.29 -15.50 -2.32
CA GLY A 92 -7.57 -15.95 -0.96
C GLY A 92 -7.53 -14.81 0.03
N LEU A 93 -8.32 -14.97 1.10
CA LEU A 93 -8.27 -14.01 2.20
C LEU A 93 -6.87 -13.96 2.80
N PRO A 94 -6.46 -12.81 3.35
CA PRO A 94 -5.24 -12.78 4.17
C PRO A 94 -5.33 -13.76 5.33
N SER A 95 -4.19 -14.32 5.71
CA SER A 95 -4.09 -15.16 6.91
C SER A 95 -2.62 -15.35 7.23
N GLU A 96 -2.36 -16.11 8.30
CA GLU A 96 -0.97 -16.41 8.67
C GLU A 96 -0.28 -17.24 7.61
N THR A 97 -1.03 -18.02 6.84
CA THR A 97 -0.44 -18.81 5.76
C THR A 97 -0.65 -18.18 4.38
N ASN A 98 -1.36 -17.06 4.28
CA ASN A 98 -1.53 -16.34 3.01
C ASN A 98 -1.22 -14.85 3.24
N PRO A 99 0.04 -14.50 3.51
N PRO A 99 0.04 -14.52 3.46
CA PRO A 99 0.35 -13.11 3.86
CA PRO A 99 0.40 -13.13 3.82
C PRO A 99 0.34 -12.18 2.65
C PRO A 99 0.34 -12.18 2.62
N TYR A 100 0.16 -10.90 2.95
CA TYR A 100 0.08 -9.85 1.95
C TYR A 100 0.97 -8.67 2.30
N ILE A 101 1.44 -7.99 1.25
CA ILE A 101 2.09 -6.68 1.35
C ILE A 101 1.35 -5.79 0.39
N PHE A 102 0.82 -4.65 0.87
CA PHE A 102 0.24 -3.64 0.00
C PHE A 102 1.18 -2.45 -0.03
N ASN A 103 1.71 -2.16 -1.21
CA ASN A 103 2.83 -1.26 -1.41
C ASN A 103 2.38 0.17 -1.65
N GLY A 104 1.56 0.71 -0.75
CA GLY A 104 1.26 2.13 -0.76
C GLY A 104 0.09 2.52 -1.67
N ASP A 105 -0.29 3.80 -1.58
CA ASP A 105 -1.33 4.41 -2.41
C ASP A 105 -2.63 3.62 -2.29
N PHE A 106 -3.06 3.46 -1.03
CA PHE A 106 -4.34 2.83 -0.69
C PHE A 106 -5.50 3.76 -0.97
N VAL A 107 -5.28 5.07 -0.87
CA VAL A 107 -6.33 6.08 -0.83
C VAL A 107 -6.10 7.09 -1.96
N ASP A 108 -7.09 7.98 -2.14
CA ASP A 108 -7.17 9.00 -3.16
C ASP A 108 -7.53 8.40 -4.52
N ARG A 109 -8.04 9.25 -5.41
CA ARG A 109 -8.45 8.90 -6.77
C ARG A 109 -9.77 8.13 -6.76
N GLY A 110 -9.76 6.91 -6.21
CA GLY A 110 -10.99 6.17 -6.07
C GLY A 110 -11.79 6.70 -4.91
N SER A 111 -13.11 6.50 -5.00
CA SER A 111 -14.07 7.10 -4.08
C SER A 111 -14.60 6.11 -3.05
N PHE A 112 -13.91 4.97 -2.86
CA PHE A 112 -14.13 4.07 -1.74
C PHE A 112 -12.83 3.93 -0.95
N SER A 113 -12.13 5.06 -0.77
CA SER A 113 -10.85 5.04 -0.07
C SER A 113 -11.02 4.70 1.40
N VAL A 114 -12.08 5.21 2.05
CA VAL A 114 -12.33 4.85 3.44
C VAL A 114 -12.48 3.34 3.59
N GLU A 115 -13.23 2.73 2.68
CA GLU A 115 -13.48 1.30 2.77
C GLU A 115 -12.20 0.49 2.53
N VAL A 116 -11.38 0.92 1.56
CA VAL A 116 -10.08 0.26 1.36
C VAL A 116 -9.24 0.36 2.64
N ILE A 117 -9.06 1.58 3.16
CA ILE A 117 -8.03 1.75 4.18
C ILE A 117 -8.45 1.11 5.50
N LEU A 118 -9.75 1.17 5.83
CA LEU A 118 -10.16 0.55 7.10
C LEU A 118 -10.14 -0.96 6.98
N THR A 119 -10.41 -1.50 5.80
CA THR A 119 -10.23 -2.95 5.59
C THR A 119 -8.76 -3.33 5.75
N LEU A 120 -7.86 -2.55 5.13
CA LEU A 120 -6.44 -2.87 5.23
C LEU A 120 -5.95 -2.76 6.67
N PHE A 121 -6.32 -1.67 7.37
CA PHE A 121 -5.93 -1.53 8.77
C PHE A 121 -6.51 -2.65 9.62
N GLY A 122 -7.77 -3.04 9.38
CA GLY A 122 -8.33 -4.18 10.10
C GLY A 122 -7.49 -5.42 9.95
N PHE A 123 -7.10 -5.76 8.71
CA PHE A 123 -6.28 -6.94 8.50
C PHE A 123 -4.89 -6.78 9.09
N LYS A 124 -4.36 -5.55 9.12
CA LYS A 124 -3.09 -5.34 9.80
C LYS A 124 -3.18 -5.68 11.28
N LEU A 125 -4.27 -5.26 11.95
CA LEU A 125 -4.46 -5.62 13.35
C LEU A 125 -4.68 -7.12 13.54
N LEU A 126 -5.37 -7.77 12.58
CA LEU A 126 -5.71 -9.18 12.75
C LEU A 126 -4.48 -10.07 12.55
N TYR A 127 -3.65 -9.76 11.56
CA TYR A 127 -2.48 -10.57 11.22
C TYR A 127 -1.23 -9.69 11.17
N PRO A 128 -0.82 -9.13 12.31
CA PRO A 128 0.21 -8.08 12.26
C PRO A 128 1.55 -8.54 11.72
N ASP A 129 1.87 -9.83 11.80
CA ASP A 129 3.14 -10.30 11.27
C ASP A 129 3.02 -10.91 9.89
N HIS A 130 1.81 -10.92 9.31
CA HIS A 130 1.58 -11.49 8.00
C HIS A 130 0.78 -10.55 7.10
N PHE A 131 0.59 -9.30 7.48
CA PHE A 131 -0.16 -8.38 6.65
C PHE A 131 0.56 -7.04 6.76
N HIS A 132 1.12 -6.58 5.66
CA HIS A 132 2.07 -5.49 5.68
C HIS A 132 1.57 -4.34 4.83
N LEU A 133 1.68 -3.13 5.37
CA LEU A 133 1.30 -1.89 4.69
C LEU A 133 2.51 -0.99 4.63
N LEU A 134 2.88 -0.57 3.43
CA LEU A 134 3.98 0.37 3.22
C LEU A 134 3.42 1.71 2.74
N ARG A 135 4.03 2.81 3.17
CA ARG A 135 3.53 4.12 2.82
C ARG A 135 3.73 4.44 1.33
N GLY A 136 2.73 5.04 0.70
CA GLY A 136 2.85 5.56 -0.65
C GLY A 136 2.83 7.08 -0.60
N ASN A 137 3.11 7.70 -1.76
CA ASN A 137 3.10 9.16 -1.77
C ASN A 137 1.71 9.72 -1.50
N HIS A 138 0.66 8.93 -1.69
CA HIS A 138 -0.67 9.42 -1.39
C HIS A 138 -1.08 9.26 0.07
N GLU A 139 -0.28 8.59 0.91
CA GLU A 139 -0.59 8.57 2.34
C GLU A 139 0.08 9.76 3.02
N THR A 140 -0.28 10.94 2.52
CA THR A 140 0.31 12.21 2.96
C THR A 140 -0.78 13.27 2.90
N ASP A 141 -0.58 14.33 3.70
CA ASP A 141 -1.57 15.40 3.83
C ASP A 141 -1.76 16.17 2.53
N ASN A 142 -0.66 16.57 1.88
CA ASN A 142 -0.79 17.41 0.69
C ASN A 142 -1.56 16.69 -0.41
N MET A 143 -1.35 15.38 -0.55
CA MET A 143 -2.03 14.61 -1.58
C MET A 143 -3.50 14.36 -1.21
N ASN A 144 -3.75 13.94 0.05
CA ASN A 144 -5.12 13.73 0.52
C ASN A 144 -5.97 14.98 0.38
N GLN A 145 -5.37 16.16 0.59
CA GLN A 145 -6.11 17.41 0.51
C GLN A 145 -6.72 17.62 -0.87
N ILE A 146 -6.06 17.15 -1.90
CA ILE A 146 -6.38 17.45 -3.28
C ILE A 146 -7.15 16.31 -3.94
N TYR A 147 -6.75 15.09 -3.66
CA TYR A 147 -7.05 13.97 -4.55
C TYR A 147 -8.13 13.05 -4.00
N GLY A 148 -8.87 13.49 -2.98
CA GLY A 148 -10.12 12.83 -2.61
C GLY A 148 -10.22 12.36 -1.18
N PHE A 149 -9.13 11.84 -0.61
CA PHE A 149 -9.28 11.15 0.67
C PHE A 149 -9.73 12.09 1.78
N GLU A 150 -9.15 13.30 1.85
CA GLU A 150 -9.56 14.21 2.91
C GLU A 150 -11.04 14.58 2.76
N GLY A 151 -11.47 14.84 1.53
CA GLY A 151 -12.88 15.15 1.31
C GLY A 151 -13.76 13.97 1.63
N GLU A 152 -13.29 12.76 1.34
CA GLU A 152 -14.11 11.56 1.56
C GLU A 152 -14.27 11.30 3.06
N VAL A 153 -13.18 11.45 3.82
CA VAL A 153 -13.27 11.27 5.26
C VAL A 153 -14.17 12.32 5.88
N LYS A 154 -14.01 13.58 5.46
CA LYS A 154 -14.87 14.62 6.01
C LYS A 154 -16.33 14.38 5.66
N ALA A 155 -16.60 13.75 4.51
CA ALA A 155 -17.98 13.50 4.10
C ALA A 155 -18.60 12.35 4.88
N LYS A 156 -17.83 11.29 5.13
CA LYS A 156 -18.35 10.10 5.78
C LYS A 156 -18.27 10.20 7.30
N TYR A 157 -17.27 10.92 7.81
CA TYR A 157 -17.06 11.08 9.24
C TYR A 157 -16.89 12.57 9.54
N THR A 158 -15.70 12.99 9.98
CA THR A 158 -15.45 14.37 10.37
C THR A 158 -13.99 14.74 10.07
N ALA A 159 -13.69 16.05 10.17
CA ALA A 159 -12.30 16.49 10.04
C ALA A 159 -11.41 15.87 11.12
N GLN A 160 -11.95 15.65 12.32
CA GLN A 160 -11.15 15.06 13.38
C GLN A 160 -10.72 13.64 13.02
N MET A 161 -11.63 12.87 12.39
CA MET A 161 -11.25 11.54 11.95
C MET A 161 -10.15 11.62 10.89
N TYR A 162 -10.25 12.60 9.98
CA TYR A 162 -9.17 12.76 9.00
C TYR A 162 -7.83 13.07 9.67
N GLU A 163 -7.82 13.97 10.66
CA GLU A 163 -6.59 14.26 11.39
C GLU A 163 -5.96 12.98 11.95
N LEU A 164 -6.79 12.09 12.49
CA LEU A 164 -6.27 10.84 13.03
C LEU A 164 -5.69 9.95 11.93
N PHE A 165 -6.38 9.83 10.79
CA PHE A 165 -5.81 9.14 9.65
C PHE A 165 -4.44 9.68 9.29
N SER A 166 -4.31 11.02 9.22
CA SER A 166 -3.01 11.61 8.88
C SER A 166 -1.93 11.16 9.85
N GLU A 167 -2.25 11.16 11.15
CA GLU A 167 -1.28 10.75 12.16
C GLU A 167 -0.89 9.30 12.00
N VAL A 168 -1.85 8.43 11.67
CA VAL A 168 -1.58 7.01 11.48
C VAL A 168 -0.67 6.78 10.28
N PHE A 169 -0.99 7.44 9.14
CA PHE A 169 -0.17 7.35 7.93
C PHE A 169 1.29 7.69 8.20
N GLU A 170 1.56 8.64 9.11
CA GLU A 170 2.93 9.03 9.40
C GLU A 170 3.75 7.89 9.99
N TRP A 171 3.09 6.86 10.52
CA TRP A 171 3.83 5.76 11.09
C TRP A 171 3.96 4.57 10.15
N LEU A 172 3.38 4.65 8.94
CA LEU A 172 3.56 3.55 7.98
C LEU A 172 5.05 3.40 7.64
N PRO A 173 5.59 2.20 7.65
CA PRO A 173 6.99 2.01 7.25
CA PRO A 173 6.99 2.01 7.25
C PRO A 173 7.19 2.40 5.79
N LEU A 174 8.44 2.64 5.42
CA LEU A 174 8.73 3.15 4.08
C LEU A 174 9.26 2.11 3.13
N ALA A 175 9.72 0.97 3.65
CA ALA A 175 10.24 -0.07 2.78
C ALA A 175 10.22 -1.38 3.55
N GLN A 176 10.27 -2.47 2.81
CA GLN A 176 10.28 -3.81 3.37
C GLN A 176 11.31 -4.64 2.60
N CYS A 177 12.10 -5.41 3.33
CA CYS A 177 13.11 -6.26 2.73
C CYS A 177 12.82 -7.71 3.12
N ILE A 178 12.69 -8.58 2.12
CA ILE A 178 12.39 -9.99 2.34
CA ILE A 178 12.40 -9.99 2.35
C ILE A 178 13.69 -10.78 2.22
N ASN A 179 14.04 -11.52 3.28
CA ASN A 179 15.17 -12.44 3.28
C ASN A 179 16.49 -11.77 2.87
N GLY A 180 16.61 -10.47 3.12
CA GLY A 180 17.81 -9.76 2.72
C GLY A 180 18.09 -9.73 1.24
N LYS A 181 17.07 -10.00 0.40
CA LYS A 181 17.27 -10.17 -1.03
C LYS A 181 16.34 -9.33 -1.91
N VAL A 182 15.12 -9.05 -1.44
CA VAL A 182 14.14 -8.29 -2.23
C VAL A 182 13.75 -7.08 -1.43
N LEU A 183 13.92 -5.89 -2.00
CA LEU A 183 13.52 -4.65 -1.33
C LEU A 183 12.28 -4.11 -2.02
N ILE A 184 11.30 -3.73 -1.23
CA ILE A 184 10.02 -3.25 -1.70
C ILE A 184 9.82 -1.84 -1.16
N MET A 185 9.48 -0.91 -2.05
CA MET A 185 9.10 0.45 -1.64
C MET A 185 8.12 0.98 -2.67
N HIS A 186 7.34 2.01 -2.28
CA HIS A 186 6.30 2.50 -3.19
C HIS A 186 6.90 3.10 -4.45
N GLY A 187 7.78 4.09 -4.30
CA GLY A 187 8.30 4.88 -5.40
C GLY A 187 9.53 4.24 -6.00
N GLY A 188 10.70 4.43 -5.38
CA GLY A 188 11.86 3.79 -5.94
C GLY A 188 13.15 4.13 -5.20
N LEU A 189 14.25 4.22 -5.94
CA LEU A 189 15.58 4.37 -5.35
C LEU A 189 15.97 5.86 -5.33
N PHE A 190 17.26 6.15 -5.15
CA PHE A 190 17.66 7.41 -4.54
C PHE A 190 18.35 8.35 -5.53
N SER A 191 18.23 9.65 -5.24
CA SER A 191 18.82 10.71 -6.05
C SER A 191 20.34 10.84 -5.87
N GLU A 192 20.94 10.07 -4.97
CA GLU A 192 22.40 10.03 -4.86
C GLU A 192 22.83 8.59 -4.66
N ASP A 193 24.07 8.31 -5.04
CA ASP A 193 24.56 6.96 -4.88
C ASP A 193 25.01 6.72 -3.44
N GLY A 194 25.16 5.45 -3.10
CA GLY A 194 25.74 5.10 -1.81
C GLY A 194 24.75 4.88 -0.69
N VAL A 195 23.45 4.98 -0.95
CA VAL A 195 22.47 4.79 0.12
C VAL A 195 22.39 3.32 0.47
N THR A 196 22.30 3.01 1.76
CA THR A 196 22.25 1.62 2.20
C THR A 196 21.04 1.38 3.09
N LEU A 197 20.78 0.10 3.38
CA LEU A 197 19.68 -0.25 4.29
C LEU A 197 19.77 0.51 5.60
N ASP A 198 21.00 0.70 6.10
CA ASP A 198 21.23 1.52 7.30
C ASP A 198 20.56 2.89 7.20
N ASP A 199 20.73 3.56 6.07
CA ASP A 199 20.13 4.88 5.90
C ASP A 199 18.59 4.82 5.96
N ILE A 200 18.01 3.76 5.40
CA ILE A 200 16.55 3.64 5.47
C ILE A 200 16.10 3.43 6.90
N ARG A 201 16.78 2.54 7.63
CA ARG A 201 16.44 2.33 9.04
C ARG A 201 16.52 3.63 9.84
N LYS A 202 17.42 4.53 9.46
CA LYS A 202 17.66 5.75 10.21
C LYS A 202 16.66 6.86 9.94
N ILE A 203 15.79 6.70 8.93
CA ILE A 203 14.84 7.76 8.61
C ILE A 203 13.83 7.87 9.75
N GLU A 204 13.72 9.06 10.32
CA GLU A 204 12.66 9.35 11.28
C GLU A 204 11.42 9.67 10.48
N ARG A 205 10.55 8.67 10.31
CA ARG A 205 9.53 8.73 9.29
C ARG A 205 8.22 9.37 9.74
N ASN A 206 8.04 9.67 11.04
CA ASN A 206 6.73 10.12 11.54
C ASN A 206 6.57 11.61 11.27
N ARG A 207 6.33 11.92 10.00
CA ARG A 207 6.30 13.29 9.50
C ARG A 207 5.67 13.26 8.11
N GLN A 208 5.41 14.44 7.57
CA GLN A 208 5.17 14.53 6.13
C GLN A 208 6.51 14.53 5.42
N PRO A 209 6.58 13.96 4.21
CA PRO A 209 7.88 13.76 3.59
C PRO A 209 8.56 15.09 3.29
N PRO A 210 9.89 15.13 3.35
CA PRO A 210 10.62 16.33 2.92
C PRO A 210 10.52 16.50 1.42
N ASP A 211 10.88 17.70 0.95
CA ASP A 211 10.78 18.00 -0.47
C ASP A 211 11.86 17.28 -1.29
N SER A 212 12.94 16.85 -0.64
CA SER A 212 13.95 16.03 -1.28
C SER A 212 14.63 15.21 -0.20
N GLY A 213 15.36 14.16 -0.63
CA GLY A 213 16.09 13.30 0.27
C GLY A 213 15.52 11.89 0.30
N PRO A 214 16.15 10.98 1.06
CA PRO A 214 15.77 9.55 0.97
C PRO A 214 14.30 9.28 1.20
N MET A 215 13.67 9.95 2.17
CA MET A 215 12.26 9.67 2.43
C MET A 215 11.39 10.10 1.25
N CYS A 216 11.71 11.24 0.64
CA CYS A 216 11.03 11.66 -0.57
C CYS A 216 11.19 10.63 -1.70
N ASP A 217 12.45 10.22 -1.96
CA ASP A 217 12.73 9.30 -3.07
C ASP A 217 11.99 7.99 -2.91
N LEU A 218 11.96 7.45 -1.69
CA LEU A 218 11.29 6.18 -1.46
C LEU A 218 9.82 6.26 -1.85
N LEU A 219 9.22 7.43 -1.70
CA LEU A 219 7.80 7.55 -2.00
C LEU A 219 7.53 8.01 -3.42
N TRP A 220 8.52 8.59 -4.09
CA TRP A 220 8.23 9.41 -5.27
C TRP A 220 9.03 9.09 -6.53
N SER A 221 10.18 8.40 -6.45
CA SER A 221 11.00 8.29 -7.66
C SER A 221 10.45 7.23 -8.62
N ASP A 222 10.96 7.28 -9.85
CA ASP A 222 10.57 6.38 -10.94
C ASP A 222 11.80 5.85 -11.65
N PRO A 223 11.76 4.62 -12.12
CA PRO A 223 12.84 4.13 -12.99
C PRO A 223 12.72 4.76 -14.37
N GLN A 224 13.86 4.89 -15.05
CA GLN A 224 13.97 5.28 -16.45
C GLN A 224 14.82 4.25 -17.16
N PRO A 225 14.66 4.08 -18.47
N PRO A 225 14.64 4.07 -18.47
CA PRO A 225 15.41 3.00 -19.16
CA PRO A 225 15.41 3.01 -19.17
C PRO A 225 16.89 3.32 -19.37
C PRO A 225 16.88 3.32 -19.34
N GLN A 226 17.26 4.59 -19.47
CA GLN A 226 18.64 4.95 -19.75
C GLN A 226 19.43 5.13 -18.47
N ASN A 227 20.74 4.93 -18.57
CA ASN A 227 21.63 5.04 -17.42
C ASN A 227 21.61 6.46 -16.85
N GLY A 228 21.90 6.56 -15.56
CA GLY A 228 22.00 7.83 -14.89
C GLY A 228 20.72 8.20 -14.17
N ARG A 229 20.56 9.50 -13.95
CA ARG A 229 19.38 10.04 -13.31
C ARG A 229 18.89 11.26 -14.09
N SER A 230 17.61 11.58 -13.90
CA SER A 230 17.03 12.79 -14.45
C SER A 230 16.15 13.43 -13.40
N ILE A 231 15.99 14.75 -13.50
CA ILE A 231 14.94 15.41 -12.76
C ILE A 231 13.64 14.72 -13.07
N SER A 232 12.84 14.44 -12.05
CA SER A 232 11.59 13.75 -12.30
C SER A 232 10.63 14.62 -13.09
N LYS A 233 9.91 13.99 -14.03
CA LYS A 233 8.86 14.68 -14.74
C LYS A 233 7.76 15.15 -13.80
N ARG A 234 7.71 14.60 -12.58
CA ARG A 234 6.72 14.95 -11.58
C ARG A 234 7.06 16.22 -10.82
N GLY A 235 8.28 16.75 -10.97
CA GLY A 235 8.68 17.92 -10.20
C GLY A 235 9.18 17.59 -8.83
N VAL A 236 9.30 16.31 -8.50
CA VAL A 236 9.60 15.82 -7.16
C VAL A 236 10.49 14.59 -7.34
N SER A 237 11.62 14.55 -6.63
CA SER A 237 12.54 13.41 -6.67
C SER A 237 13.15 13.25 -8.07
N CYS A 238 13.53 12.03 -8.44
CA CYS A 238 14.31 11.83 -9.65
C CYS A 238 13.75 10.66 -10.42
N GLN A 239 14.26 10.49 -11.63
CA GLN A 239 14.17 9.23 -12.36
C GLN A 239 15.54 8.56 -12.27
N PHE A 240 15.57 7.24 -12.10
CA PHE A 240 16.83 6.53 -11.92
C PHE A 240 16.98 5.40 -12.94
N GLY A 241 18.18 5.29 -13.51
CA GLY A 241 18.46 4.30 -14.54
C GLY A 241 18.91 2.95 -14.02
N PRO A 242 19.13 2.01 -14.94
CA PRO A 242 19.52 0.64 -14.54
C PRO A 242 20.84 0.58 -13.81
N ASP A 243 21.80 1.46 -14.14
CA ASP A 243 23.07 1.45 -13.42
C ASP A 243 22.89 1.88 -11.97
N VAL A 244 21.97 2.82 -11.72
CA VAL A 244 21.62 3.20 -10.36
C VAL A 244 21.05 2.01 -9.59
N THR A 245 20.09 1.31 -10.21
CA THR A 245 19.51 0.14 -9.55
C THR A 245 20.58 -0.90 -9.26
N LYS A 246 21.42 -1.19 -10.25
CA LYS A 246 22.41 -2.26 -10.09
C LYS A 246 23.45 -1.91 -9.03
N ALA A 247 23.92 -0.66 -9.00
CA ALA A 247 24.88 -0.26 -7.96
C ALA A 247 24.27 -0.38 -6.58
N PHE A 248 23.00 0.01 -6.43
CA PHE A 248 22.33 -0.04 -5.15
C PHE A 248 22.16 -1.48 -4.68
N LEU A 249 21.71 -2.37 -5.59
CA LEU A 249 21.51 -3.77 -5.26
C LEU A 249 22.84 -4.45 -4.89
N GLU A 250 23.88 -4.21 -5.70
CA GLU A 250 25.19 -4.79 -5.40
C GLU A 250 25.70 -4.34 -4.03
N GLU A 251 25.62 -3.04 -3.74
CA GLU A 251 26.17 -2.56 -2.46
C GLU A 251 25.41 -3.15 -1.29
N ASN A 252 24.11 -3.39 -1.45
CA ASN A 252 23.25 -3.82 -0.37
C ASN A 252 22.97 -5.32 -0.38
N ASN A 253 23.66 -6.08 -1.25
CA ASN A 253 23.54 -7.54 -1.31
C ASN A 253 22.12 -7.98 -1.63
N LEU A 254 21.46 -7.24 -2.50
CA LEU A 254 20.07 -7.49 -2.88
C LEU A 254 19.99 -8.06 -4.30
N ASP A 255 18.89 -8.73 -4.59
CA ASP A 255 18.66 -9.28 -5.92
C ASP A 255 17.86 -8.36 -6.83
N TYR A 256 16.78 -7.74 -6.33
CA TYR A 256 15.96 -6.83 -7.14
C TYR A 256 15.03 -6.03 -6.23
N ILE A 257 14.41 -5.01 -6.81
CA ILE A 257 13.41 -4.24 -6.09
C ILE A 257 12.04 -4.45 -6.72
N ILE A 258 11.01 -4.37 -5.88
CA ILE A 258 9.61 -4.29 -6.31
C ILE A 258 9.11 -2.92 -5.91
N ARG A 259 8.52 -2.20 -6.87
CA ARG A 259 7.95 -0.90 -6.55
C ARG A 259 6.64 -0.81 -7.30
N SER A 260 5.94 0.31 -7.14
CA SER A 260 4.63 0.49 -7.73
C SER A 260 4.57 1.90 -8.35
N HIS A 261 3.56 2.73 -8.03
CA HIS A 261 3.64 4.17 -8.27
C HIS A 261 3.44 4.60 -9.74
N GLU A 262 3.30 3.65 -10.68
CA GLU A 262 3.01 3.94 -12.08
C GLU A 262 2.04 2.93 -12.64
N VAL A 263 1.09 3.38 -13.45
CA VAL A 263 0.16 2.46 -14.08
C VAL A 263 0.84 1.80 -15.26
N LYS A 264 0.54 0.51 -15.48
CA LYS A 264 1.02 -0.22 -16.64
C LYS A 264 -0.16 -0.97 -17.22
N ALA A 265 -0.27 -0.96 -18.56
CA ALA A 265 -1.44 -1.55 -19.21
C ALA A 265 -1.59 -3.01 -18.85
N GLU A 266 -0.48 -3.71 -18.67
CA GLU A 266 -0.51 -5.12 -18.32
C GLU A 266 -0.53 -5.35 -16.81
N GLY A 267 -0.54 -4.28 -16.01
CA GLY A 267 -0.56 -4.42 -14.56
C GLY A 267 0.80 -4.51 -13.92
N TYR A 268 1.87 -4.68 -14.72
CA TYR A 268 3.21 -4.78 -14.18
C TYR A 268 4.20 -4.49 -15.29
N GLU A 269 5.44 -4.23 -14.90
CA GLU A 269 6.53 -4.07 -15.86
C GLU A 269 7.81 -4.61 -15.22
N VAL A 270 8.55 -5.39 -15.99
CA VAL A 270 9.88 -5.84 -15.58
C VAL A 270 10.88 -4.98 -16.32
N ALA A 271 11.69 -4.23 -15.57
CA ALA A 271 12.63 -3.30 -16.17
C ALA A 271 14.03 -3.53 -15.61
N HIS A 272 14.98 -2.76 -16.12
CA HIS A 272 16.37 -2.77 -15.64
C HIS A 272 16.93 -4.19 -15.63
N GLY A 273 16.65 -4.93 -16.70
CA GLY A 273 17.17 -6.29 -16.81
C GLY A 273 16.64 -7.24 -15.76
N GLY A 274 15.42 -6.98 -15.25
CA GLY A 274 14.84 -7.76 -14.20
C GLY A 274 15.09 -7.23 -12.80
N ARG A 275 15.89 -6.17 -12.66
CA ARG A 275 16.26 -5.65 -11.35
C ARG A 275 15.23 -4.69 -10.77
N CYS A 276 14.33 -4.12 -11.59
CA CYS A 276 13.33 -3.19 -11.10
C CYS A 276 11.96 -3.59 -11.63
N VAL A 277 11.10 -4.08 -10.74
CA VAL A 277 9.78 -4.60 -11.11
C VAL A 277 8.74 -3.60 -10.62
N THR A 278 7.79 -3.23 -11.50
CA THR A 278 6.66 -2.41 -11.10
C THR A 278 5.40 -3.28 -11.00
N VAL A 279 4.66 -3.14 -9.90
CA VAL A 279 3.39 -3.84 -9.74
C VAL A 279 2.32 -2.81 -9.41
N PHE A 280 1.17 -2.91 -10.07
CA PHE A 280 0.12 -1.90 -9.94
C PHE A 280 -1.20 -2.65 -9.83
N SER A 281 -1.97 -2.41 -8.76
CA SER A 281 -3.07 -3.32 -8.44
C SER A 281 -4.43 -2.63 -8.50
N ALA A 282 -4.56 -1.59 -9.32
CA ALA A 282 -5.79 -0.83 -9.51
C ALA A 282 -6.24 -0.97 -10.95
N PRO A 283 -7.03 -1.98 -11.27
CA PRO A 283 -7.41 -2.20 -12.66
C PRO A 283 -8.39 -1.13 -13.12
N ASN A 284 -8.38 -0.87 -14.43
CA ASN A 284 -9.21 0.17 -15.04
C ASN A 284 -9.19 1.42 -14.17
N TYR A 285 -7.97 1.86 -13.87
CA TYR A 285 -7.72 2.95 -12.95
C TYR A 285 -8.59 4.17 -13.26
N CYS A 286 -9.24 4.69 -12.21
CA CYS A 286 -10.12 5.87 -12.32
C CYS A 286 -11.24 5.65 -13.33
N ASP A 287 -11.66 4.39 -13.50
CA ASP A 287 -12.74 4.00 -14.41
C ASP A 287 -12.46 4.40 -15.86
N GLN A 288 -11.21 4.66 -16.20
CA GLN A 288 -10.91 5.22 -17.51
C GLN A 288 -9.68 4.63 -18.19
N MET A 289 -8.68 4.15 -17.45
CA MET A 289 -7.42 3.75 -18.08
C MET A 289 -7.50 2.44 -18.82
N GLY A 290 -8.47 1.59 -18.49
CA GLY A 290 -8.59 0.31 -19.16
C GLY A 290 -7.45 -0.65 -18.92
N ASN A 291 -6.58 -0.37 -17.95
CA ASN A 291 -5.44 -1.24 -17.69
C ASN A 291 -5.85 -2.53 -16.98
N LYS A 292 -5.07 -3.58 -17.20
CA LYS A 292 -5.11 -4.70 -16.29
C LYS A 292 -4.35 -4.32 -15.02
N ALA A 293 -4.61 -5.07 -13.95
CA ALA A 293 -3.83 -4.95 -12.74
C ALA A 293 -3.11 -6.26 -12.50
N SER A 294 -2.17 -6.27 -11.56
CA SER A 294 -1.54 -7.51 -11.19
C SER A 294 -1.21 -7.50 -9.71
N TYR A 295 -0.87 -8.69 -9.21
CA TYR A 295 -0.19 -8.89 -7.94
C TYR A 295 0.88 -9.96 -8.14
N ILE A 296 1.87 -9.93 -7.27
CA ILE A 296 3.07 -10.76 -7.38
C ILE A 296 3.02 -11.84 -6.31
N HIS A 297 3.33 -13.08 -6.70
N HIS A 297 3.33 -13.08 -6.69
CA HIS A 297 3.56 -14.17 -5.77
CA HIS A 297 3.53 -14.17 -5.75
C HIS A 297 5.05 -14.40 -5.61
C HIS A 297 5.02 -14.45 -5.61
N LEU A 298 5.47 -14.61 -4.35
CA LEU A 298 6.86 -14.92 -4.01
C LEU A 298 6.90 -16.09 -3.03
N GLN A 299 7.96 -16.90 -3.11
CA GLN A 299 8.18 -18.03 -2.22
CA GLN A 299 8.18 -18.03 -2.22
C GLN A 299 9.52 -17.87 -1.51
N GLY A 300 9.58 -18.30 -0.25
CA GLY A 300 10.81 -18.17 0.52
C GLY A 300 12.02 -18.80 -0.14
N SER A 301 11.85 -20.00 -0.70
CA SER A 301 12.94 -20.71 -1.35
C SER A 301 13.18 -20.26 -2.78
N ASP A 302 12.40 -19.30 -3.25
CA ASP A 302 12.37 -18.92 -4.65
C ASP A 302 11.67 -17.55 -4.68
N LEU A 303 12.46 -16.52 -4.49
CA LEU A 303 11.92 -15.17 -4.47
C LEU A 303 11.73 -14.60 -5.87
N ARG A 304 11.58 -15.44 -6.89
CA ARG A 304 11.35 -14.84 -8.20
C ARG A 304 9.90 -14.37 -8.30
N PRO A 305 9.65 -13.20 -8.90
CA PRO A 305 8.27 -12.70 -8.94
C PRO A 305 7.45 -13.44 -9.98
N GLN A 306 6.32 -13.99 -9.56
CA GLN A 306 5.34 -14.55 -10.48
C GLN A 306 4.11 -13.67 -10.50
N PHE A 307 3.73 -13.23 -11.69
CA PHE A 307 2.70 -12.22 -11.86
C PHE A 307 1.36 -12.87 -12.15
N HIS A 308 0.31 -12.35 -11.50
CA HIS A 308 -1.06 -12.76 -11.76
C HIS A 308 -1.84 -11.52 -12.17
N GLN A 309 -2.36 -11.53 -13.39
CA GLN A 309 -3.11 -10.38 -13.90
C GLN A 309 -4.60 -10.51 -13.58
N PHE A 310 -5.27 -9.37 -13.45
CA PHE A 310 -6.71 -9.38 -13.26
C PHE A 310 -7.31 -8.08 -13.77
N THR A 311 -8.62 -8.10 -14.00
CA THR A 311 -9.33 -6.96 -14.56
C THR A 311 -10.36 -6.46 -13.57
N ALA A 312 -10.90 -5.28 -13.86
CA ALA A 312 -11.80 -4.60 -12.94
C ALA A 312 -13.15 -5.32 -12.82
N VAL A 313 -13.77 -5.18 -11.65
CA VAL A 313 -15.13 -5.70 -11.44
C VAL A 313 -16.07 -4.53 -11.22
N PRO A 314 -17.39 -4.74 -11.27
CA PRO A 314 -18.32 -3.61 -11.09
C PRO A 314 -18.25 -3.02 -9.69
N HIS A 315 -18.65 -1.77 -9.60
CA HIS A 315 -18.72 -1.03 -8.34
C HIS A 315 -19.93 -0.10 -8.41
N PRO A 316 -20.36 0.40 -7.25
CA PRO A 316 -21.50 1.33 -7.23
C PRO A 316 -21.20 2.61 -7.99
N ASN A 317 -22.27 3.34 -8.29
CA ASN A 317 -22.17 4.50 -9.16
C ASN A 317 -21.77 5.74 -8.36
N VAL A 318 -20.54 5.70 -7.86
CA VAL A 318 -19.83 6.87 -7.34
C VAL A 318 -18.65 7.15 -8.27
N LYS A 319 -18.55 8.37 -8.78
CA LYS A 319 -17.49 8.68 -9.72
C LYS A 319 -16.13 8.76 -9.03
N PRO A 320 -15.05 8.42 -9.73
CA PRO A 320 -13.71 8.67 -9.17
C PRO A 320 -13.55 10.15 -8.91
N MET A 321 -12.79 10.46 -7.86
CA MET A 321 -12.49 11.85 -7.54
CA MET A 321 -12.48 11.83 -7.44
C MET A 321 -13.73 12.66 -7.16
N ALA A 322 -14.85 11.97 -6.86
CA ALA A 322 -16.06 12.68 -6.46
C ALA A 322 -15.82 13.58 -5.25
N TYR A 323 -14.87 13.23 -4.39
CA TYR A 323 -14.60 13.98 -3.17
C TYR A 323 -13.39 14.91 -3.29
N ALA A 324 -12.75 14.96 -4.45
CA ALA A 324 -11.53 15.73 -4.63
C ALA A 324 -11.84 17.22 -4.75
N ASN A 325 -10.78 18.02 -4.77
CA ASN A 325 -10.90 19.48 -4.73
C ASN A 325 -11.76 20.05 -5.86
MN MN B . 2.36 6.79 -6.00
MN MN C . -0.66 5.83 -7.14
C10 LB1 D . 0.51 7.32 -9.83
C13 LB1 D . -1.19 8.67 -8.46
C07 LB1 D . -0.87 8.00 -9.78
C08 LB1 D . -1.83 6.81 -10.00
C09 LB1 D . 0.11 5.87 -10.13
C11 LB1 D . -1.81 6.34 -11.46
C12 LB1 D . -0.39 5.74 -11.57
C14 LB1 D . 1.33 7.36 -8.55
O01 LB1 D . -1.10 5.71 -9.37
O02 LB1 D . -1.06 7.96 -7.47
O04 LB1 D . 1.34 6.36 -7.82
C1 MPD E . 5.17 18.31 -3.73
C2 MPD E . 4.47 17.56 -2.61
O2 MPD E . 4.25 18.45 -1.54
CM MPD E . 3.14 17.01 -3.09
C3 MPD E . 5.34 16.40 -2.16
C4 MPD E . 6.67 16.88 -1.58
O4 MPD E . 6.46 17.85 -0.58
C5 MPD E . 7.41 15.70 -0.98
C1 MRD F . -17.42 -11.20 2.93
C2 MRD F . -17.07 -11.05 1.44
O2 MRD F . -17.54 -12.15 0.74
CM MRD F . -17.73 -9.78 0.88
C3 MRD F . -15.55 -10.99 1.31
C4 MRD F . -15.05 -11.04 -0.13
O4 MRD F . -15.56 -12.14 -0.82
C5 MRD F . -13.51 -11.14 -0.14
#